data_8HYN
#
_entry.id   8HYN
#
_cell.length_a   53.265
_cell.length_b   60.121
_cell.length_c   118.823
_cell.angle_alpha   90.000
_cell.angle_beta   90.000
_cell.angle_gamma   90.000
#
_symmetry.space_group_name_H-M   'P 21 21 21'
#
loop_
_entity.id
_entity.type
_entity.pdbx_description
1 polymer 'CD-NTase-associated protein 12'
2 non-polymer 'TETRAETHYLENE GLYCOL'
3 water water
#
_entity_poly.entity_id   1
_entity_poly.type   'polypeptide(L)'
_entity_poly.pdbx_seq_one_letter_code
;SGGGFPSSTLAAVYYENFVKPTCLHIIQNGGIQDDDGTKYENSTIKIIIPQKLTTDVNSQFQTLKKSFQTKKLTFDYLGR
PRNIDVETLIQDGKLYVIDFPTVLSGINYAISNLLPNDFNSMSDDYELILNREFDRFIYTLNKLALRDGYNNLITVINEK
DIK
;
_entity_poly.pdbx_strand_id   A,B
#
loop_
_chem_comp.id
_chem_comp.type
_chem_comp.name
_chem_comp.formula
PG4 non-polymer 'TETRAETHYLENE GLYCOL' 'C8 H18 O5'
#
# COMPACT_ATOMS: atom_id res chain seq x y z
N PHE A 5 -9.22 -9.59 -2.85
CA PHE A 5 -7.97 -9.10 -2.22
C PHE A 5 -7.30 -10.18 -1.36
N PRO A 6 -5.96 -10.37 -1.48
CA PRO A 6 -5.27 -11.46 -0.79
C PRO A 6 -4.84 -11.10 0.64
N SER A 7 -5.81 -10.83 1.51
CA SER A 7 -5.61 -10.39 2.93
C SER A 7 -4.92 -11.52 3.73
N SER A 8 -5.34 -12.76 3.57
CA SER A 8 -4.77 -13.87 4.37
C SER A 8 -3.34 -14.08 3.89
N THR A 9 -3.10 -14.03 2.59
CA THR A 9 -1.74 -14.20 2.07
C THR A 9 -0.85 -13.04 2.52
N LEU A 10 -1.36 -11.82 2.52
CA LEU A 10 -0.56 -10.65 2.96
C LEU A 10 -0.25 -10.81 4.44
N ALA A 11 -1.21 -11.31 5.23
CA ALA A 11 -0.98 -11.56 6.65
C ALA A 11 0.08 -12.65 6.81
N ALA A 12 0.08 -13.69 5.99
CA ALA A 12 1.10 -14.76 6.09
C ALA A 12 2.47 -14.18 5.71
N VAL A 13 2.55 -13.39 4.64
CA VAL A 13 3.83 -12.77 4.19
C VAL A 13 4.42 -11.92 5.33
N TYR A 14 3.60 -11.07 5.92
CA TYR A 14 3.96 -10.14 7.00
C TYR A 14 4.36 -10.91 8.25
N TYR A 15 3.60 -11.93 8.61
CA TYR A 15 3.90 -12.73 9.80
C TYR A 15 5.22 -13.46 9.60
N GLU A 16 5.37 -14.18 8.49
CA GLU A 16 6.53 -15.07 8.33
C GLU A 16 7.82 -14.27 8.10
N ASN A 17 7.75 -13.04 7.61
CA ASN A 17 8.96 -12.29 7.21
C ASN A 17 9.20 -11.10 8.12
N PHE A 18 8.32 -10.83 9.09
CA PHE A 18 8.53 -9.73 10.04
C PHE A 18 8.22 -10.15 11.49
N VAL A 19 7.01 -10.63 11.72
CA VAL A 19 6.49 -10.84 13.10
C VAL A 19 7.21 -12.04 13.72
N LYS A 20 7.22 -13.19 13.06
CA LYS A 20 7.88 -14.38 13.62
C LYS A 20 9.38 -14.11 13.84
N PRO A 21 10.13 -13.58 12.86
CA PRO A 21 11.52 -13.19 13.10
C PRO A 21 11.72 -12.35 14.39
N THR A 22 10.88 -11.36 14.60
CA THR A 22 10.93 -10.51 15.79
C THR A 22 10.71 -11.35 17.05
N CYS A 23 9.71 -12.24 17.02
CA CYS A 23 9.40 -13.10 18.17
C CYS A 23 10.61 -13.97 18.46
N LEU A 24 11.21 -14.53 17.42
CA LEU A 24 12.36 -15.44 17.58
C LEU A 24 13.52 -14.67 18.25
N HIS A 25 13.73 -13.41 17.90
CA HIS A 25 14.80 -12.62 18.58
C HIS A 25 14.45 -12.47 20.07
N ILE A 26 13.25 -12.02 20.36
CA ILE A 26 12.76 -11.77 21.75
C ILE A 26 12.97 -13.04 22.58
N ILE A 27 12.60 -14.17 22.03
CA ILE A 27 12.66 -15.47 22.76
C ILE A 27 14.14 -15.87 22.94
N GLN A 28 14.92 -15.87 21.86
CA GLN A 28 16.33 -16.33 21.89
C GLN A 28 17.18 -15.45 22.83
N ASN A 29 16.93 -14.14 22.84
CA ASN A 29 17.79 -13.13 23.49
C ASN A 29 17.29 -12.87 24.92
N GLY A 30 16.09 -13.35 25.27
CA GLY A 30 15.41 -12.99 26.53
C GLY A 30 15.01 -11.53 26.58
N GLY A 31 14.55 -11.00 25.45
CA GLY A 31 14.07 -9.61 25.36
C GLY A 31 14.92 -8.81 24.41
N ILE A 32 14.51 -7.56 24.16
CA ILE A 32 15.28 -6.64 23.28
C ILE A 32 16.15 -5.70 24.14
N GLN A 33 17.44 -5.64 23.79
CA GLN A 33 18.46 -4.83 24.47
C GLN A 33 18.45 -3.44 23.86
N ASP A 34 18.44 -2.42 24.70
CA ASP A 34 18.63 -1.02 24.25
C ASP A 34 20.12 -0.83 23.95
N ASP A 35 20.48 0.29 23.32
CA ASP A 35 21.85 0.53 22.82
C ASP A 35 22.83 0.66 24.00
N ASP A 36 22.35 1.10 25.17
CA ASP A 36 23.18 1.23 26.39
C ASP A 36 23.40 -0.14 27.06
N GLY A 37 22.76 -1.21 26.59
CA GLY A 37 22.90 -2.58 27.14
C GLY A 37 21.71 -3.02 28.00
N THR A 38 20.83 -2.09 28.39
CA THR A 38 19.61 -2.40 29.17
C THR A 38 18.73 -3.41 28.42
N LYS A 39 18.61 -4.63 28.93
CA LYS A 39 17.70 -5.67 28.39
C LYS A 39 16.31 -5.47 28.99
N TYR A 40 15.28 -5.51 28.14
CA TYR A 40 13.86 -5.43 28.56
C TYR A 40 13.24 -6.82 28.41
N GLU A 41 13.19 -7.51 29.54
CA GLU A 41 12.65 -8.89 29.61
C GLU A 41 11.20 -8.88 29.12
N ASN A 42 10.51 -7.75 29.30
CA ASN A 42 9.11 -7.54 28.89
C ASN A 42 9.17 -6.82 27.54
N SER A 43 9.58 -7.57 26.52
CA SER A 43 9.57 -7.14 25.10
C SER A 43 8.35 -7.77 24.40
N THR A 44 7.44 -6.92 23.91
CA THR A 44 6.26 -7.40 23.15
C THR A 44 6.13 -6.65 21.82
N ILE A 45 5.23 -7.15 20.98
CA ILE A 45 4.96 -6.55 19.66
C ILE A 45 3.53 -6.01 19.67
N LYS A 46 3.41 -4.77 19.27
CA LYS A 46 2.13 -4.07 19.07
C LYS A 46 1.97 -3.81 17.56
N ILE A 47 1.01 -4.49 16.97
CA ILE A 47 0.67 -4.32 15.54
C ILE A 47 -0.64 -3.54 15.49
N ILE A 48 -0.57 -2.33 14.97
CA ILE A 48 -1.76 -1.47 14.84
C ILE A 48 -2.19 -1.43 13.38
N ILE A 49 -3.45 -1.77 13.14
CA ILE A 49 -4.09 -1.68 11.80
C ILE A 49 -4.74 -0.31 11.70
N PRO A 50 -4.14 0.65 10.99
CA PRO A 50 -4.72 1.99 10.90
C PRO A 50 -5.86 2.09 9.90
N GLN A 51 -6.60 3.18 9.96
CA GLN A 51 -7.64 3.51 8.97
C GLN A 51 -6.98 4.37 7.87
N LYS A 52 -6.71 5.63 8.21
CA LYS A 52 -6.00 6.52 7.28
C LYS A 52 -4.53 6.15 7.28
N LEU A 53 -3.80 6.63 6.29
CA LEU A 53 -2.32 6.53 6.26
C LEU A 53 -1.75 7.21 7.49
N THR A 54 -0.65 6.72 8.03
CA THR A 54 0.02 7.32 9.21
C THR A 54 0.55 8.70 8.86
N THR A 55 0.91 8.94 7.59
CA THR A 55 1.43 10.24 7.09
C THR A 55 0.29 11.24 6.86
N ASP A 56 -0.97 10.81 6.84
CA ASP A 56 -2.12 11.74 6.70
C ASP A 56 -2.14 12.69 7.91
N VAL A 57 -2.27 13.99 7.63
CA VAL A 57 -2.25 15.09 8.64
C VAL A 57 -3.46 14.98 9.59
N ASN A 58 -4.45 14.15 9.26
CA ASN A 58 -5.68 13.95 10.09
C ASN A 58 -5.64 12.56 10.74
N SER A 59 -4.46 11.96 10.86
CA SER A 59 -4.26 10.62 11.47
C SER A 59 -3.91 10.76 12.96
N GLN A 60 -4.47 9.91 13.82
CA GLN A 60 -4.09 9.76 15.24
C GLN A 60 -2.57 9.61 15.42
N PHE A 61 -1.89 8.82 14.57
CA PHE A 61 -0.49 8.35 14.81
C PHE A 61 0.49 9.11 13.92
N GLN A 62 0.08 10.27 13.40
CA GLN A 62 0.91 11.05 12.45
C GLN A 62 2.16 11.60 13.16
N THR A 63 2.13 11.74 14.50
CA THR A 63 3.24 12.27 15.32
C THR A 63 3.91 11.15 16.11
N LEU A 64 3.14 10.19 16.62
CA LEU A 64 3.67 9.09 17.50
C LEU A 64 4.93 8.47 16.89
N LYS A 65 4.91 8.18 15.58
CA LYS A 65 5.96 7.39 14.89
C LYS A 65 7.34 8.02 14.99
N LYS A 66 7.40 9.35 15.12
CA LYS A 66 8.68 10.11 15.23
C LYS A 66 9.39 9.78 16.56
N SER A 67 8.66 9.29 17.56
CA SER A 67 9.22 8.90 18.89
C SER A 67 9.85 7.51 18.87
N PHE A 68 9.81 6.77 17.76
CA PHE A 68 10.30 5.36 17.71
C PHE A 68 11.83 5.33 17.55
N GLN A 69 12.43 4.22 17.94
CA GLN A 69 13.88 3.92 17.82
C GLN A 69 14.08 2.71 16.90
N THR A 70 14.78 2.89 15.79
CA THR A 70 15.11 1.78 14.86
C THR A 70 16.13 0.86 15.53
N LYS A 71 15.88 -0.44 15.49
CA LYS A 71 16.85 -1.47 15.95
C LYS A 71 17.04 -2.50 14.86
N LYS A 72 18.24 -3.06 14.79
CA LYS A 72 18.54 -4.23 13.96
C LYS A 72 18.63 -5.43 14.91
N LEU A 73 17.67 -6.34 14.81
CA LEU A 73 17.64 -7.54 15.67
C LEU A 73 18.28 -8.67 14.92
N THR A 74 19.21 -9.37 15.57
CA THR A 74 19.79 -10.61 15.03
C THR A 74 19.14 -11.77 15.78
N PHE A 75 18.96 -12.87 15.09
CA PHE A 75 18.33 -14.09 15.64
C PHE A 75 18.76 -15.24 14.76
N ASP A 76 18.51 -16.46 15.23
CA ASP A 76 18.80 -17.66 14.43
C ASP A 76 17.49 -18.24 13.91
N TYR A 77 17.53 -18.68 12.65
CA TYR A 77 16.35 -19.19 11.94
C TYR A 77 16.76 -20.47 11.27
N LEU A 78 16.23 -21.59 11.72
CA LEU A 78 16.59 -22.94 11.20
C LEU A 78 18.12 -23.10 11.24
N GLY A 79 18.74 -22.60 12.31
CA GLY A 79 20.17 -22.82 12.54
C GLY A 79 21.04 -21.76 11.87
N ARG A 80 20.48 -20.84 11.08
CA ARG A 80 21.28 -19.85 10.31
C ARG A 80 21.06 -18.46 10.91
N PRO A 81 22.12 -17.65 11.06
CA PRO A 81 21.96 -16.30 11.60
C PRO A 81 21.24 -15.40 10.58
N ARG A 82 20.27 -14.64 11.05
CA ARG A 82 19.50 -13.70 10.21
C ARG A 82 19.28 -12.43 11.00
N ASN A 83 18.81 -11.38 10.36
CA ASN A 83 18.48 -10.13 11.08
C ASN A 83 17.26 -9.48 10.44
N ILE A 84 16.67 -8.54 11.16
CA ILE A 84 15.49 -7.79 10.71
C ILE A 84 15.55 -6.43 11.39
N ASP A 85 14.99 -5.41 10.76
CA ASP A 85 14.90 -4.04 11.33
C ASP A 85 13.50 -3.81 11.89
N VAL A 86 13.42 -3.35 13.13
CA VAL A 86 12.12 -3.04 13.78
C VAL A 86 12.20 -1.62 14.32
N GLU A 87 11.06 -1.10 14.72
CA GLU A 87 10.93 0.21 15.42
C GLU A 87 10.40 -0.06 16.82
N THR A 88 11.04 0.54 17.83
CA THR A 88 10.76 0.26 19.26
C THR A 88 10.35 1.55 19.97
N LEU A 89 9.67 1.35 21.08
CA LEU A 89 9.26 2.42 22.03
C LEU A 89 9.22 1.77 23.42
N ILE A 90 9.90 2.41 24.37
CA ILE A 90 9.94 1.95 25.80
C ILE A 90 8.88 2.72 26.57
N GLN A 91 8.09 1.99 27.36
CA GLN A 91 7.07 2.55 28.28
C GLN A 91 7.01 1.68 29.53
N ASP A 92 7.01 2.32 30.71
CA ASP A 92 6.73 1.69 32.02
C ASP A 92 7.68 0.50 32.24
N GLY A 93 8.91 0.62 31.75
CA GLY A 93 9.95 -0.42 31.92
C GLY A 93 9.74 -1.57 30.97
N LYS A 94 8.88 -1.39 29.97
CA LYS A 94 8.52 -2.43 28.97
C LYS A 94 8.87 -1.93 27.57
N LEU A 95 9.42 -2.83 26.77
CA LEU A 95 9.78 -2.50 25.37
C LEU A 95 8.66 -2.99 24.44
N TYR A 96 8.21 -2.11 23.56
CA TYR A 96 7.22 -2.43 22.50
C TYR A 96 7.87 -2.29 21.12
N VAL A 97 7.90 -3.40 20.36
CA VAL A 97 8.07 -3.30 18.89
C VAL A 97 6.72 -2.86 18.31
N ILE A 98 6.67 -1.70 17.68
CA ILE A 98 5.40 -1.14 17.14
C ILE A 98 5.50 -1.10 15.61
N ASP A 99 4.44 -1.54 14.93
CA ASP A 99 4.41 -1.55 13.44
C ASP A 99 2.98 -1.34 12.96
N PHE A 100 2.82 -0.45 12.00
CA PHE A 100 1.64 -0.31 11.13
C PHE A 100 1.92 -1.06 9.82
N PRO A 101 1.32 -2.25 9.59
CA PRO A 101 1.74 -3.12 8.49
C PRO A 101 1.65 -2.39 7.15
N THR A 102 2.79 -2.16 6.53
CA THR A 102 2.85 -1.43 5.25
C THR A 102 2.17 -2.25 4.14
N VAL A 103 1.99 -3.56 4.32
CA VAL A 103 1.26 -4.40 3.33
C VAL A 103 -0.22 -3.95 3.20
N LEU A 104 -0.76 -3.20 4.16
CA LEU A 104 -2.14 -2.66 4.11
C LEU A 104 -2.17 -1.23 3.61
N SER A 105 -1.03 -0.65 3.22
CA SER A 105 -0.96 0.81 2.90
C SER A 105 -1.83 1.14 1.68
N GLY A 106 -2.03 0.18 0.77
CA GLY A 106 -2.91 0.41 -0.40
C GLY A 106 -4.34 0.72 0.01
N ILE A 107 -4.86 -0.03 0.97
CA ILE A 107 -6.23 0.20 1.47
C ILE A 107 -6.19 1.52 2.25
N ASN A 108 -5.11 1.81 3.00
CA ASN A 108 -5.02 3.07 3.78
C ASN A 108 -5.11 4.25 2.82
N TYR A 109 -4.46 4.13 1.67
CA TYR A 109 -4.49 5.14 0.60
C TYR A 109 -5.92 5.28 0.08
N ALA A 110 -6.60 4.18 -0.20
CA ALA A 110 -8.01 4.24 -0.61
C ALA A 110 -8.82 5.02 0.42
N ILE A 111 -8.66 4.71 1.70
CA ILE A 111 -9.44 5.34 2.82
C ILE A 111 -9.12 6.84 2.95
N SER A 112 -7.86 7.22 2.84
CA SER A 112 -7.43 8.65 2.97
C SER A 112 -7.81 9.46 1.74
N ASN A 113 -7.56 8.96 0.53
CA ASN A 113 -7.44 9.86 -0.62
C ASN A 113 -8.45 9.54 -1.71
N LEU A 114 -9.07 8.35 -1.73
CA LEU A 114 -9.98 8.05 -2.87
C LEU A 114 -11.43 7.98 -2.39
N LEU A 115 -11.74 7.18 -1.40
CA LEU A 115 -13.13 6.98 -0.95
C LEU A 115 -13.81 8.31 -0.56
N PRO A 116 -13.15 9.27 0.14
CA PRO A 116 -13.88 10.49 0.54
C PRO A 116 -14.42 11.29 -0.66
N ASN A 117 -13.80 11.19 -1.82
CA ASN A 117 -14.31 11.84 -3.05
C ASN A 117 -15.68 11.26 -3.46
N ASP A 118 -15.88 9.95 -3.27
CA ASP A 118 -17.17 9.25 -3.51
C ASP A 118 -17.87 9.74 -4.78
N PHE A 119 -17.22 9.64 -5.93
CA PHE A 119 -17.79 10.16 -7.21
C PHE A 119 -19.05 9.38 -7.60
N ASN A 120 -19.06 8.05 -7.40
CA ASN A 120 -20.15 7.21 -7.93
C ASN A 120 -21.12 6.80 -6.82
N SER A 121 -21.02 7.43 -5.65
CA SER A 121 -21.93 7.16 -4.51
C SER A 121 -21.81 5.69 -4.03
N MET A 122 -20.67 5.02 -4.25
CA MET A 122 -20.50 3.63 -3.79
C MET A 122 -19.48 3.52 -2.66
N SER A 123 -18.92 4.64 -2.18
CA SER A 123 -17.79 4.60 -1.21
C SER A 123 -18.16 3.84 0.05
N ASP A 124 -19.37 4.01 0.58
CA ASP A 124 -19.80 3.24 1.77
C ASP A 124 -19.69 1.72 1.53
N ASP A 125 -20.20 1.25 0.40
CA ASP A 125 -20.14 -0.18 0.03
C ASP A 125 -18.69 -0.61 -0.12
N TYR A 126 -17.90 0.15 -0.86
CA TYR A 126 -16.47 -0.18 -1.05
C TYR A 126 -15.77 -0.26 0.29
N GLU A 127 -16.03 0.73 1.13
CA GLU A 127 -15.31 0.85 2.41
C GLU A 127 -15.67 -0.33 3.30
N LEU A 128 -16.90 -0.82 3.21
CA LEU A 128 -17.31 -2.01 4.02
C LEU A 128 -16.47 -3.21 3.57
N ILE A 129 -16.30 -3.38 2.25
CA ILE A 129 -15.50 -4.49 1.71
C ILE A 129 -14.06 -4.37 2.24
N LEU A 130 -13.49 -3.17 2.16
CA LEU A 130 -12.06 -3.01 2.53
C LEU A 130 -11.87 -3.26 4.02
N ASN A 131 -12.83 -2.89 4.85
CA ASN A 131 -12.74 -3.10 6.32
C ASN A 131 -12.83 -4.59 6.62
N ARG A 132 -13.64 -5.33 5.84
CA ARG A 132 -13.67 -6.79 5.98
C ARG A 132 -12.30 -7.36 5.61
N GLU A 133 -11.55 -6.73 4.72
CA GLU A 133 -10.19 -7.24 4.41
C GLU A 133 -9.31 -7.06 5.66
N PHE A 134 -9.41 -5.94 6.34
CA PHE A 134 -8.67 -5.72 7.60
C PHE A 134 -9.03 -6.79 8.63
N ASP A 135 -10.32 -7.16 8.72
CA ASP A 135 -10.76 -8.20 9.68
C ASP A 135 -10.11 -9.52 9.30
N ARG A 136 -10.06 -9.88 8.02
CA ARG A 136 -9.48 -11.21 7.66
C ARG A 136 -7.96 -11.16 7.91
N PHE A 137 -7.31 -10.05 7.61
CA PHE A 137 -5.85 -9.87 7.89
C PHE A 137 -5.59 -10.12 9.38
N ILE A 138 -6.33 -9.47 10.27
CA ILE A 138 -6.15 -9.59 11.74
C ILE A 138 -6.42 -11.03 12.16
N TYR A 139 -7.51 -11.62 11.67
CA TYR A 139 -7.87 -13.03 11.95
C TYR A 139 -6.68 -13.93 11.61
N THR A 140 -6.14 -13.83 10.39
CA THR A 140 -5.02 -14.72 9.98
C THR A 140 -3.78 -14.48 10.86
N LEU A 141 -3.42 -13.23 11.12
CA LEU A 141 -2.27 -12.86 11.97
C LEU A 141 -2.41 -13.50 13.35
N ASN A 142 -3.58 -13.42 13.97
CA ASN A 142 -3.82 -14.04 15.30
C ASN A 142 -3.72 -15.56 15.21
N LYS A 143 -4.29 -16.17 14.20
CA LYS A 143 -4.26 -17.64 14.06
C LYS A 143 -2.79 -18.07 13.90
N LEU A 144 -1.99 -17.34 13.13
CA LEU A 144 -0.58 -17.74 12.92
C LEU A 144 0.19 -17.58 14.24
N ALA A 145 0.00 -16.47 14.94
CA ALA A 145 0.65 -16.28 16.25
C ALA A 145 0.32 -17.46 17.17
N LEU A 146 -0.96 -17.84 17.22
CA LEU A 146 -1.43 -18.94 18.10
C LEU A 146 -0.77 -20.24 17.61
N ARG A 147 -0.73 -20.48 16.32
CA ARG A 147 -0.09 -21.71 15.78
C ARG A 147 1.32 -21.89 16.39
N ASP A 148 2.08 -20.80 16.48
CA ASP A 148 3.50 -20.86 16.85
C ASP A 148 3.67 -20.60 18.35
N GLY A 149 2.62 -20.18 19.06
CA GLY A 149 2.65 -19.96 20.52
C GLY A 149 3.24 -18.62 20.87
N TYR A 150 3.19 -17.65 19.94
CA TYR A 150 3.69 -16.29 20.15
C TYR A 150 2.55 -15.35 20.52
N ASN A 151 1.35 -15.89 20.74
CA ASN A 151 0.11 -15.08 20.98
C ASN A 151 0.27 -14.17 22.21
N ASN A 152 1.10 -14.51 23.19
CA ASN A 152 1.35 -13.61 24.35
C ASN A 152 2.45 -12.59 24.05
N LEU A 153 3.25 -12.77 22.97
CA LEU A 153 4.22 -11.72 22.56
C LEU A 153 3.57 -10.65 21.67
N ILE A 154 2.42 -10.94 21.07
CA ILE A 154 1.85 -10.11 19.96
C ILE A 154 0.45 -9.67 20.36
N THR A 155 0.21 -8.37 20.29
CA THR A 155 -1.16 -7.80 20.31
C THR A 155 -1.42 -7.10 18.99
N VAL A 156 -2.45 -7.56 18.27
CA VAL A 156 -2.94 -6.88 17.04
C VAL A 156 -4.19 -6.07 17.39
N ILE A 157 -4.14 -4.78 17.08
CA ILE A 157 -5.19 -3.82 17.47
C ILE A 157 -5.68 -3.07 16.23
N ASN A 158 -6.98 -3.16 15.97
CA ASN A 158 -7.64 -2.34 14.94
C ASN A 158 -7.82 -0.94 15.51
N GLU A 159 -7.46 0.09 14.74
CA GLU A 159 -7.65 1.50 15.12
C GLU A 159 -9.12 1.77 15.50
N LYS A 160 -10.10 1.13 14.86
CA LYS A 160 -11.54 1.38 15.15
C LYS A 160 -11.86 1.00 16.60
N ASP A 161 -11.12 0.05 17.18
CA ASP A 161 -11.33 -0.44 18.56
C ASP A 161 -10.48 0.39 19.55
N ILE A 162 -9.90 1.51 19.11
CA ILE A 162 -9.20 2.47 20.03
C ILE A 162 -10.18 3.58 20.39
N PRO B 6 -13.00 -12.33 -11.16
CA PRO B 6 -11.71 -11.69 -11.43
C PRO B 6 -11.70 -10.17 -11.16
N SER B 7 -12.72 -9.66 -10.46
CA SER B 7 -12.89 -8.21 -10.14
C SER B 7 -12.09 -7.84 -8.89
N SER B 8 -11.69 -6.57 -8.80
CA SER B 8 -11.02 -5.97 -7.62
C SER B 8 -11.80 -4.75 -7.15
N THR B 9 -12.21 -4.73 -5.88
CA THR B 9 -12.84 -3.53 -5.29
C THR B 9 -11.85 -2.36 -5.31
N LEU B 10 -10.58 -2.60 -5.01
CA LEU B 10 -9.55 -1.53 -5.01
C LEU B 10 -9.44 -0.90 -6.39
N ALA B 11 -9.53 -1.70 -7.44
CA ALA B 11 -9.53 -1.20 -8.82
C ALA B 11 -10.75 -0.31 -9.04
N ALA B 12 -11.94 -0.77 -8.64
CA ALA B 12 -13.17 0.03 -8.77
C ALA B 12 -13.03 1.36 -8.02
N VAL B 13 -12.48 1.34 -6.81
CA VAL B 13 -12.29 2.59 -6.01
C VAL B 13 -11.38 3.55 -6.80
N TYR B 14 -10.25 3.03 -7.27
CA TYR B 14 -9.21 3.79 -8.02
C TYR B 14 -9.79 4.31 -9.34
N TYR B 15 -10.52 3.45 -10.04
CA TYR B 15 -11.13 3.89 -11.31
C TYR B 15 -12.11 5.01 -11.05
N GLU B 16 -13.07 4.78 -10.17
CA GLU B 16 -14.21 5.72 -10.01
C GLU B 16 -13.74 7.03 -9.40
N ASN B 17 -12.70 7.04 -8.58
CA ASN B 17 -12.28 8.27 -7.85
C ASN B 17 -11.01 8.88 -8.41
N PHE B 18 -10.41 8.33 -9.47
CA PHE B 18 -9.17 8.95 -10.04
C PHE B 18 -9.19 8.88 -11.56
N VAL B 19 -9.34 7.68 -12.11
CA VAL B 19 -9.22 7.50 -13.59
C VAL B 19 -10.39 8.19 -14.29
N LYS B 20 -11.61 7.92 -13.85
CA LYS B 20 -12.79 8.50 -14.51
C LYS B 20 -12.83 10.03 -14.35
N PRO B 21 -12.58 10.61 -13.16
CA PRO B 21 -12.39 12.06 -13.05
C PRO B 21 -11.40 12.65 -14.06
N THR B 22 -10.26 11.99 -14.25
CA THR B 22 -9.22 12.43 -15.20
C THR B 22 -9.80 12.41 -16.60
N CYS B 23 -10.46 11.31 -16.98
CA CYS B 23 -11.04 11.14 -18.32
C CYS B 23 -12.13 12.19 -18.57
N LEU B 24 -12.95 12.49 -17.56
CA LEU B 24 -14.05 13.47 -17.69
C LEU B 24 -13.47 14.87 -17.93
N HIS B 25 -12.32 15.19 -17.32
CA HIS B 25 -11.62 16.48 -17.60
C HIS B 25 -11.14 16.47 -19.05
N ILE B 26 -10.47 15.39 -19.45
CA ILE B 26 -9.89 15.30 -20.81
C ILE B 26 -11.02 15.52 -21.83
N ILE B 27 -12.15 14.85 -21.66
CA ILE B 27 -13.28 14.95 -22.62
C ILE B 27 -13.87 16.36 -22.59
N GLN B 28 -14.10 16.92 -21.40
CA GLN B 28 -14.84 18.19 -21.25
C GLN B 28 -13.94 19.33 -21.74
N ASN B 29 -12.62 19.24 -21.53
CA ASN B 29 -11.66 20.31 -21.82
C ASN B 29 -11.11 20.15 -23.26
N GLY B 30 -11.40 19.05 -23.94
CA GLY B 30 -10.76 18.74 -25.23
C GLY B 30 -9.25 18.56 -25.09
N GLY B 31 -8.83 17.87 -24.02
CA GLY B 31 -7.41 17.66 -23.71
C GLY B 31 -6.97 18.41 -22.47
N ILE B 32 -5.71 18.23 -22.09
CA ILE B 32 -5.11 18.88 -20.91
C ILE B 32 -4.15 19.98 -21.39
N GLN B 33 -4.29 21.18 -20.82
CA GLN B 33 -3.46 22.36 -21.13
C GLN B 33 -2.20 22.38 -20.26
N ASP B 34 -1.05 22.65 -20.87
CA ASP B 34 0.23 22.89 -20.16
C ASP B 34 0.16 24.28 -19.49
N ASP B 35 1.20 24.61 -18.73
CA ASP B 35 1.25 25.91 -18.00
C ASP B 35 1.31 27.06 -19.00
N ASP B 36 1.92 26.87 -20.18
CA ASP B 36 2.03 27.93 -21.22
C ASP B 36 0.71 28.06 -22.00
N GLY B 37 -0.31 27.25 -21.70
CA GLY B 37 -1.62 27.37 -22.36
C GLY B 37 -1.76 26.37 -23.50
N THR B 38 -0.67 25.75 -23.96
CA THR B 38 -0.70 24.73 -25.03
C THR B 38 -1.72 23.66 -24.63
N LYS B 39 -2.74 23.42 -25.46
CA LYS B 39 -3.73 22.33 -25.22
C LYS B 39 -3.31 21.09 -26.01
N TYR B 40 -3.10 19.99 -25.30
CA TYR B 40 -2.82 18.67 -25.89
C TYR B 40 -4.14 17.91 -26.06
N GLU B 41 -4.70 18.01 -27.26
CA GLU B 41 -6.00 17.41 -27.62
C GLU B 41 -5.95 15.90 -27.36
N ASN B 42 -4.83 15.26 -27.70
CA ASN B 42 -4.72 13.78 -27.67
C ASN B 42 -4.08 13.36 -26.34
N SER B 43 -4.51 14.01 -25.25
CA SER B 43 -4.04 13.70 -23.88
C SER B 43 -4.47 12.27 -23.52
N THR B 44 -3.56 11.45 -23.03
CA THR B 44 -3.90 10.06 -22.61
C THR B 44 -3.39 9.79 -21.19
N ILE B 45 -3.80 8.64 -20.66
CA ILE B 45 -3.45 8.18 -19.30
C ILE B 45 -2.66 6.89 -19.41
N LYS B 46 -1.50 6.87 -18.77
CA LYS B 46 -0.69 5.65 -18.70
C LYS B 46 -0.63 5.19 -17.25
N ILE B 47 -1.26 4.05 -17.01
CA ILE B 47 -1.38 3.47 -15.66
C ILE B 47 -0.43 2.30 -15.66
N ILE B 48 0.65 2.42 -14.89
CA ILE B 48 1.73 1.39 -14.82
C ILE B 48 1.56 0.57 -13.54
N ILE B 49 1.34 -0.74 -13.68
CA ILE B 49 1.22 -1.70 -12.56
C ILE B 49 2.62 -2.21 -12.22
N PRO B 50 3.32 -1.60 -11.22
CA PRO B 50 4.68 -1.99 -10.87
C PRO B 50 4.75 -3.27 -10.02
N GLN B 51 5.89 -3.95 -10.06
CA GLN B 51 6.18 -5.15 -9.22
C GLN B 51 6.79 -4.68 -7.90
N LYS B 52 7.91 -3.95 -8.01
CA LYS B 52 8.60 -3.32 -6.86
C LYS B 52 7.92 -2.00 -6.55
N LEU B 53 8.21 -1.41 -5.36
CA LEU B 53 7.81 -0.03 -5.00
C LEU B 53 8.45 0.92 -6.00
N THR B 54 7.87 2.11 -6.18
CA THR B 54 8.41 3.21 -7.03
C THR B 54 9.70 3.76 -6.38
N THR B 55 9.77 3.75 -5.05
CA THR B 55 10.91 4.29 -4.27
C THR B 55 12.05 3.25 -4.22
N ASP B 56 11.76 1.98 -4.50
CA ASP B 56 12.76 0.88 -4.50
C ASP B 56 13.94 1.32 -5.38
N VAL B 57 15.15 1.15 -4.86
CA VAL B 57 16.42 1.62 -5.51
C VAL B 57 16.74 0.75 -6.75
N ASN B 58 16.07 -0.39 -6.93
CA ASN B 58 16.34 -1.35 -8.04
C ASN B 58 15.10 -1.51 -8.92
N SER B 59 14.24 -0.50 -8.96
CA SER B 59 13.00 -0.44 -9.79
C SER B 59 13.25 0.40 -11.05
N GLN B 60 12.84 -0.11 -12.23
CA GLN B 60 12.83 0.61 -13.53
C GLN B 60 12.43 2.08 -13.35
N PHE B 61 11.32 2.35 -12.64
CA PHE B 61 10.60 3.65 -12.65
C PHE B 61 10.99 4.52 -11.45
N GLN B 62 12.06 4.15 -10.74
CA GLN B 62 12.54 4.89 -9.54
C GLN B 62 12.98 6.30 -9.94
N THR B 63 13.53 6.48 -11.15
CA THR B 63 14.10 7.76 -11.65
C THR B 63 13.02 8.56 -12.39
N LEU B 64 12.27 7.90 -13.27
CA LEU B 64 11.25 8.54 -14.14
C LEU B 64 10.38 9.52 -13.33
N LYS B 65 9.98 9.15 -12.12
CA LYS B 65 8.86 9.78 -11.38
C LYS B 65 9.05 11.30 -11.27
N LYS B 66 10.25 11.77 -10.92
CA LYS B 66 10.45 13.21 -10.60
C LYS B 66 10.53 14.06 -11.87
N SER B 67 10.42 13.46 -13.05
CA SER B 67 10.35 14.21 -14.34
C SER B 67 8.92 14.73 -14.58
N PHE B 68 7.97 14.37 -13.70
CA PHE B 68 6.51 14.68 -13.85
C PHE B 68 6.18 16.04 -13.27
N GLN B 69 5.08 16.62 -13.74
CA GLN B 69 4.58 17.94 -13.28
C GLN B 69 3.12 17.80 -12.81
N THR B 70 2.85 18.23 -11.59
CA THR B 70 1.51 18.11 -10.96
C THR B 70 0.57 19.14 -11.58
N LYS B 71 -0.66 18.72 -11.86
CA LYS B 71 -1.70 19.58 -12.48
C LYS B 71 -3.02 19.31 -11.78
N LYS B 72 -3.78 20.37 -11.52
CA LYS B 72 -5.15 20.26 -10.95
C LYS B 72 -6.14 20.34 -12.10
N LEU B 73 -6.83 19.24 -12.39
CA LEU B 73 -7.83 19.17 -13.48
C LEU B 73 -9.17 19.49 -12.87
N THR B 74 -9.89 20.48 -13.41
CA THR B 74 -11.28 20.78 -13.01
C THR B 74 -12.21 20.19 -14.06
N PHE B 75 -13.44 19.88 -13.65
CA PHE B 75 -14.45 19.22 -14.51
C PHE B 75 -15.79 19.26 -13.77
N ASP B 76 -16.86 19.02 -14.52
CA ASP B 76 -18.24 18.94 -13.95
C ASP B 76 -18.63 17.46 -13.83
N TYR B 77 -19.18 17.09 -12.69
CA TYR B 77 -19.65 15.71 -12.41
C TYR B 77 -21.08 15.78 -11.84
N LEU B 78 -22.04 15.27 -12.59
CA LEU B 78 -23.47 15.26 -12.20
C LEU B 78 -23.89 16.66 -11.73
N GLY B 79 -23.41 17.71 -12.41
CA GLY B 79 -23.85 19.09 -12.18
C GLY B 79 -22.99 19.84 -11.19
N ARG B 80 -22.12 19.18 -10.42
CA ARG B 80 -21.25 19.93 -9.48
C ARG B 80 -19.88 20.10 -10.10
N PRO B 81 -19.18 21.23 -9.81
CA PRO B 81 -17.78 21.38 -10.16
C PRO B 81 -16.87 20.57 -9.22
N ARG B 82 -15.92 19.83 -9.79
CA ARG B 82 -15.03 18.98 -9.00
C ARG B 82 -13.62 19.13 -9.54
N ASN B 83 -12.65 18.56 -8.87
CA ASN B 83 -11.27 18.57 -9.39
C ASN B 83 -10.58 17.29 -8.95
N ILE B 84 -9.48 17.00 -9.63
CA ILE B 84 -8.57 15.87 -9.28
C ILE B 84 -7.15 16.33 -9.60
N ASP B 85 -6.19 15.93 -8.79
CA ASP B 85 -4.76 16.27 -9.00
C ASP B 85 -4.10 15.09 -9.68
N VAL B 86 -3.32 15.35 -10.72
CA VAL B 86 -2.66 14.28 -11.50
C VAL B 86 -1.22 14.70 -11.76
N GLU B 87 -0.40 13.76 -12.17
CA GLU B 87 0.99 14.06 -12.59
C GLU B 87 1.10 13.75 -14.08
N THR B 88 1.63 14.73 -14.81
CA THR B 88 1.76 14.71 -16.28
C THR B 88 3.23 14.67 -16.70
N LEU B 89 3.47 14.15 -17.90
CA LEU B 89 4.76 14.20 -18.62
C LEU B 89 4.48 14.53 -20.09
N ILE B 90 5.15 15.56 -20.62
CA ILE B 90 5.08 15.90 -22.06
C ILE B 90 6.33 15.35 -22.73
N GLN B 91 6.14 14.44 -23.67
CA GLN B 91 7.24 13.79 -24.39
C GLN B 91 6.89 13.78 -25.89
N ASP B 92 7.75 14.41 -26.70
CA ASP B 92 7.72 14.31 -28.19
C ASP B 92 6.38 14.82 -28.69
N GLY B 93 5.88 15.89 -28.11
CA GLY B 93 4.62 16.57 -28.47
C GLY B 93 3.35 15.94 -27.85
N LYS B 94 3.48 14.90 -27.02
CA LYS B 94 2.30 14.21 -26.41
C LYS B 94 2.28 14.48 -24.90
N LEU B 95 1.08 14.73 -24.36
CA LEU B 95 0.87 14.81 -22.89
C LEU B 95 0.28 13.47 -22.40
N TYR B 96 0.94 12.90 -21.40
CA TYR B 96 0.55 11.65 -20.70
C TYR B 96 0.33 11.98 -19.23
N VAL B 97 -0.86 11.72 -18.72
CA VAL B 97 -1.09 11.55 -17.25
C VAL B 97 -0.50 10.19 -16.88
N ILE B 98 0.49 10.19 -16.00
CA ILE B 98 1.17 8.92 -15.61
C ILE B 98 0.81 8.64 -14.15
N ASP B 99 0.45 7.39 -13.84
CA ASP B 99 0.10 7.03 -12.44
C ASP B 99 0.51 5.58 -12.18
N PHE B 100 1.23 5.39 -11.08
CA PHE B 100 1.40 4.06 -10.42
C PHE B 100 0.33 3.98 -9.33
N PRO B 101 -0.74 3.16 -9.48
CA PRO B 101 -1.83 3.19 -8.52
C PRO B 101 -1.35 2.92 -7.08
N THR B 102 -1.48 3.93 -6.24
CA THR B 102 -1.03 3.81 -4.84
C THR B 102 -1.83 2.73 -4.10
N VAL B 103 -3.02 2.41 -4.56
CA VAL B 103 -3.84 1.33 -3.91
C VAL B 103 -3.12 -0.01 -4.03
N LEU B 104 -2.12 -0.14 -4.90
CA LEU B 104 -1.34 -1.40 -5.04
C LEU B 104 -0.06 -1.39 -4.22
N SER B 105 0.23 -0.33 -3.47
CA SER B 105 1.56 -0.15 -2.82
C SER B 105 1.79 -1.21 -1.75
N GLY B 106 0.75 -1.68 -1.09
CA GLY B 106 0.88 -2.74 -0.09
C GLY B 106 1.46 -4.01 -0.70
N ILE B 107 0.98 -4.40 -1.89
CA ILE B 107 1.51 -5.58 -2.61
C ILE B 107 2.95 -5.32 -3.07
N ASN B 108 3.22 -4.13 -3.58
CA ASN B 108 4.59 -3.70 -3.95
C ASN B 108 5.50 -3.77 -2.72
N TYR B 109 5.02 -3.40 -1.54
CA TYR B 109 5.84 -3.50 -0.33
C TYR B 109 6.15 -4.96 -0.01
N ALA B 110 5.13 -5.83 -0.07
CA ALA B 110 5.32 -7.27 0.14
C ALA B 110 6.38 -7.79 -0.84
N ILE B 111 6.27 -7.41 -2.10
CA ILE B 111 7.22 -7.93 -3.15
C ILE B 111 8.63 -7.34 -2.98
N SER B 112 8.78 -6.07 -2.67
CA SER B 112 10.11 -5.45 -2.52
C SER B 112 10.76 -5.77 -1.18
N ASN B 113 9.99 -5.82 -0.09
CA ASN B 113 10.61 -5.70 1.25
C ASN B 113 10.42 -6.97 2.07
N LEU B 114 9.36 -7.75 1.85
CA LEU B 114 9.12 -8.94 2.70
C LEU B 114 9.54 -10.22 1.96
N LEU B 115 9.03 -10.46 0.77
CA LEU B 115 9.20 -11.76 0.08
C LEU B 115 10.67 -12.11 -0.16
N PRO B 116 11.58 -11.17 -0.47
CA PRO B 116 12.98 -11.55 -0.70
C PRO B 116 13.65 -12.19 0.53
N ASN B 117 13.18 -11.92 1.74
CA ASN B 117 13.74 -12.59 2.94
C ASN B 117 13.42 -14.08 2.91
N ASP B 118 12.22 -14.43 2.46
CA ASP B 118 11.74 -15.81 2.21
C ASP B 118 12.14 -16.74 3.37
N PHE B 119 11.84 -16.33 4.58
CA PHE B 119 12.23 -17.09 5.78
C PHE B 119 11.66 -18.51 5.74
N ASN B 120 10.40 -18.68 5.31
CA ASN B 120 9.75 -20.01 5.36
C ASN B 120 9.74 -20.72 4.00
N SER B 121 10.50 -20.23 3.03
CA SER B 121 10.63 -20.83 1.69
C SER B 121 9.25 -20.96 1.03
N MET B 122 8.34 -20.03 1.28
CA MET B 122 7.02 -19.98 0.64
C MET B 122 6.88 -18.73 -0.24
N SER B 123 7.92 -17.90 -0.38
CA SER B 123 7.78 -16.63 -1.13
C SER B 123 7.35 -16.86 -2.59
N ASP B 124 7.83 -17.91 -3.25
CA ASP B 124 7.47 -18.14 -4.68
C ASP B 124 5.96 -18.36 -4.77
N ASP B 125 5.39 -19.15 -3.90
CA ASP B 125 3.94 -19.42 -3.93
C ASP B 125 3.17 -18.16 -3.53
N TYR B 126 3.62 -17.49 -2.47
CA TYR B 126 2.96 -16.23 -2.04
C TYR B 126 2.96 -15.23 -3.17
N GLU B 127 4.05 -15.14 -3.91
CA GLU B 127 4.22 -14.13 -4.97
C GLU B 127 3.23 -14.42 -6.12
N LEU B 128 2.99 -15.69 -6.44
CA LEU B 128 2.02 -16.07 -7.48
C LEU B 128 0.63 -15.61 -7.01
N ILE B 129 0.31 -15.87 -5.76
CA ILE B 129 -1.01 -15.48 -5.25
C ILE B 129 -1.13 -13.96 -5.34
N LEU B 130 -0.10 -13.21 -4.93
CA LEU B 130 -0.25 -11.73 -4.89
C LEU B 130 -0.37 -11.17 -6.30
N ASN B 131 0.37 -11.75 -7.26
CA ASN B 131 0.31 -11.31 -8.67
C ASN B 131 -1.11 -11.49 -9.22
N ARG B 132 -1.89 -12.44 -8.71
CA ARG B 132 -3.32 -12.64 -9.09
C ARG B 132 -4.02 -11.27 -8.90
N GLU B 133 -3.65 -10.51 -7.85
CA GLU B 133 -4.34 -9.24 -7.51
C GLU B 133 -4.02 -8.22 -8.60
N PHE B 134 -2.79 -8.21 -9.09
CA PHE B 134 -2.39 -7.38 -10.24
C PHE B 134 -3.30 -7.71 -11.44
N ASP B 135 -3.44 -8.97 -11.78
CA ASP B 135 -4.24 -9.41 -12.96
C ASP B 135 -5.68 -8.92 -12.79
N ARG B 136 -6.27 -9.12 -11.61
CA ARG B 136 -7.66 -8.74 -11.33
C ARG B 136 -7.79 -7.23 -11.38
N PHE B 137 -6.81 -6.51 -10.87
CA PHE B 137 -6.83 -5.04 -10.95
C PHE B 137 -6.91 -4.60 -12.42
N ILE B 138 -5.98 -5.12 -13.24
CA ILE B 138 -5.95 -4.78 -14.68
C ILE B 138 -7.28 -5.15 -15.33
N TYR B 139 -7.80 -6.32 -15.05
CA TYR B 139 -9.06 -6.78 -15.66
C TYR B 139 -10.18 -5.76 -15.34
N THR B 140 -10.26 -5.35 -14.09
CA THR B 140 -11.34 -4.46 -13.61
C THR B 140 -11.20 -3.10 -14.29
N LEU B 141 -9.99 -2.53 -14.29
CA LEU B 141 -9.78 -1.20 -14.88
C LEU B 141 -10.24 -1.26 -16.35
N ASN B 142 -9.79 -2.26 -17.10
CA ASN B 142 -10.10 -2.35 -18.55
C ASN B 142 -11.62 -2.48 -18.73
N LYS B 143 -12.28 -3.33 -17.97
CA LYS B 143 -13.72 -3.53 -18.05
C LYS B 143 -14.45 -2.20 -17.76
N LEU B 144 -14.07 -1.45 -16.72
CA LEU B 144 -14.76 -0.19 -16.37
C LEU B 144 -14.47 0.89 -17.41
N ALA B 145 -13.23 1.00 -17.88
CA ALA B 145 -12.87 1.96 -18.94
C ALA B 145 -13.70 1.65 -20.19
N LEU B 146 -13.80 0.41 -20.60
CA LEU B 146 -14.59 0.06 -21.79
C LEU B 146 -16.06 0.41 -21.56
N ARG B 147 -16.60 0.09 -20.38
CA ARG B 147 -17.99 0.44 -20.06
C ARG B 147 -18.23 1.91 -20.34
N ASP B 148 -17.33 2.78 -19.93
CA ASP B 148 -17.57 4.23 -19.97
C ASP B 148 -17.10 4.82 -21.30
N GLY B 149 -16.54 4.02 -22.22
CA GLY B 149 -15.97 4.52 -23.49
C GLY B 149 -14.69 5.30 -23.28
N TYR B 150 -13.94 5.01 -22.22
CA TYR B 150 -12.65 5.69 -21.95
C TYR B 150 -11.49 4.78 -22.36
N ASN B 151 -11.76 3.67 -23.04
CA ASN B 151 -10.70 2.64 -23.24
C ASN B 151 -9.61 3.19 -24.19
N ASN B 152 -9.92 4.16 -25.05
CA ASN B 152 -8.89 4.79 -25.92
C ASN B 152 -8.17 5.93 -25.20
N LEU B 153 -8.66 6.35 -24.04
CA LEU B 153 -7.92 7.37 -23.26
C LEU B 153 -6.88 6.72 -22.37
N ILE B 154 -6.99 5.45 -22.09
CA ILE B 154 -6.23 4.80 -20.97
C ILE B 154 -5.42 3.65 -21.56
N THR B 155 -4.15 3.57 -21.14
CA THR B 155 -3.31 2.36 -21.33
C THR B 155 -2.85 1.86 -19.97
N VAL B 156 -3.22 0.62 -19.65
CA VAL B 156 -2.86 -0.06 -18.38
C VAL B 156 -1.74 -1.04 -18.72
N ILE B 157 -0.57 -0.84 -18.12
CA ILE B 157 0.65 -1.62 -18.42
C ILE B 157 1.11 -2.35 -17.16
N ASN B 158 1.00 -3.69 -17.14
CA ASN B 158 1.70 -4.56 -16.17
C ASN B 158 3.20 -4.51 -16.47
N GLU B 159 4.04 -4.22 -15.47
CA GLU B 159 5.52 -4.26 -15.58
C GLU B 159 6.03 -5.59 -16.19
N LYS B 160 5.36 -6.73 -15.94
CA LYS B 160 5.73 -8.08 -16.45
C LYS B 160 5.67 -8.14 -17.99
N ASP B 161 4.89 -7.26 -18.62
CA ASP B 161 4.63 -7.26 -20.08
C ASP B 161 5.43 -6.14 -20.78
N ILE B 162 6.09 -5.26 -20.02
CA ILE B 162 6.82 -4.05 -20.55
C ILE B 162 7.45 -3.31 -19.37
O1 PG4 C . 0.83 0.29 24.96
C1 PG4 C . 2.02 1.02 25.04
C2 PG4 C . 2.54 1.38 23.70
O2 PG4 C . 1.67 2.31 23.07
C3 PG4 C . 2.28 2.97 21.96
C4 PG4 C . 1.27 3.84 21.29
O3 PG4 C . 0.11 3.09 20.98
C5 PG4 C . -0.94 3.88 20.41
C6 PG4 C . -2.23 3.06 20.40
O4 PG4 C . -2.25 2.22 21.55
C7 PG4 C . -3.40 1.37 21.63
C8 PG4 C . -3.36 0.63 22.96
O5 PG4 C . -4.01 -0.61 22.92
O1 PG4 D . 3.39 4.75 -24.27
C1 PG4 D . 4.21 4.70 -25.46
C2 PG4 D . 4.63 6.07 -25.94
O2 PG4 D . 5.65 6.60 -25.10
C3 PG4 D . 5.14 7.39 -24.01
C4 PG4 D . 6.18 7.54 -22.92
O3 PG4 D . 5.52 7.81 -21.69
C5 PG4 D . 6.39 7.83 -20.55
C6 PG4 D . 6.97 6.48 -20.31
O4 PG4 D . 5.93 5.57 -20.01
C7 PG4 D . 6.40 4.36 -19.40
C8 PG4 D . 6.80 3.37 -20.45
O5 PG4 D . 5.70 2.97 -21.27
#